data_4MI7
#
_entry.id   4MI7
#
_cell.length_a   56.181
_cell.length_b   56.181
_cell.length_c   125.124
_cell.angle_alpha   90.000
_cell.angle_beta   90.000
_cell.angle_gamma   90.000
#
_symmetry.space_group_name_H-M   'P 41 21 2'
#
loop_
_entity.id
_entity.type
_entity.pdbx_description
1 polymer 'Bacteriophage encoded virulence factor'
2 non-polymer 'SULFATE ION'
3 water water
#
_entity_poly.entity_id   1
_entity_poly.type   'polypeptide(L)'
_entity_poly.pdbx_seq_one_letter_code
;GPVDEGIDIIECENLLKEMNVQKIPESSLFTNIKEALQAEVFNSTVEDDFESFISYELQNHGPLMLIRPSLGSECLHAEC
IVGYDSEVKKVLIYDSMNTSPEWQSNIDVYDKLTLAFNDKYKNEDCSICGLYYDGVYEPK
;
_entity_poly.pdbx_strand_id   A
#
# COMPACT_ATOMS: atom_id res chain seq x y z
N GLY A 6 -7.90 -5.94 13.76
CA GLY A 6 -8.18 -6.23 12.31
C GLY A 6 -9.63 -6.63 12.11
N ILE A 7 -10.02 -6.87 10.86
CA ILE A 7 -11.43 -7.19 10.54
C ILE A 7 -11.48 -8.48 9.74
N ASP A 8 -12.63 -9.13 9.74
CA ASP A 8 -12.77 -10.36 8.99
C ASP A 8 -12.99 -10.10 7.53
N ILE A 9 -12.83 -11.17 6.75
CA ILE A 9 -12.92 -11.07 5.31
C ILE A 9 -14.24 -10.41 4.85
N ILE A 10 -15.35 -10.77 5.49
CA ILE A 10 -16.65 -10.36 5.01
C ILE A 10 -16.80 -8.86 5.26
N GLU A 11 -16.43 -8.43 6.48
CA GLU A 11 -16.42 -7.01 6.79
C GLU A 11 -15.50 -6.23 5.85
N CYS A 12 -14.34 -6.81 5.52
CA CYS A 12 -13.39 -6.20 4.59
C CYS A 12 -13.98 -6.09 3.17
N GLU A 13 -14.64 -7.15 2.72
CA GLU A 13 -15.25 -7.11 1.40
C GLU A 13 -16.29 -6.01 1.35
N ASN A 14 -17.06 -5.91 2.43
CA ASN A 14 -18.12 -4.94 2.49
C ASN A 14 -17.57 -3.53 2.53
N LEU A 15 -16.44 -3.35 3.22
CA LEU A 15 -15.76 -2.06 3.24
C LEU A 15 -15.36 -1.59 1.87
N LEU A 16 -14.70 -2.46 1.11
CA LEU A 16 -14.21 -2.11 -0.21
C LEU A 16 -15.41 -1.80 -1.09
N LYS A 17 -16.48 -2.57 -0.96
CA LYS A 17 -17.68 -2.39 -1.81
C LYS A 17 -18.33 -1.04 -1.52
N GLU A 18 -18.44 -0.71 -0.24
CA GLU A 18 -19.12 0.50 0.17
C GLU A 18 -18.24 1.72 -0.23
N MET A 19 -16.90 1.57 -0.17
CA MET A 19 -15.99 2.64 -0.62
C MET A 19 -15.96 2.83 -2.12
N ASN A 20 -16.33 1.81 -2.89
CA ASN A 20 -16.24 1.80 -4.31
C ASN A 20 -14.84 2.15 -4.80
N VAL A 21 -13.91 1.31 -4.38
CA VAL A 21 -12.51 1.41 -4.80
C VAL A 21 -12.17 0.21 -5.67
N GLN A 22 -11.07 0.30 -6.40
CA GLN A 22 -10.67 -0.77 -7.29
C GLN A 22 -9.19 -0.94 -7.09
N LYS A 23 -8.72 -2.14 -7.41
CA LYS A 23 -7.30 -2.39 -7.37
C LYS A 23 -6.56 -1.51 -8.36
N ILE A 24 -5.38 -1.09 -7.96
CA ILE A 24 -4.59 -0.28 -8.90
C ILE A 24 -4.25 -1.06 -10.20
N PRO A 25 -4.16 -0.32 -11.33
CA PRO A 25 -3.91 -0.99 -12.59
C PRO A 25 -2.45 -1.40 -12.74
N GLU A 26 -2.24 -2.34 -13.62
CA GLU A 26 -0.91 -2.80 -13.88
C GLU A 26 -0.05 -1.66 -14.46
N SER A 27 1.23 -1.67 -14.12
CA SER A 27 2.20 -0.71 -14.66
C SER A 27 3.55 -1.29 -14.53
N SER A 28 4.54 -0.76 -15.23
CA SER A 28 5.88 -1.35 -15.13
C SER A 28 6.44 -1.22 -13.74
N LEU A 29 6.15 -0.10 -13.09
CA LEU A 29 6.64 0.16 -11.72
C LEU A 29 6.04 -0.82 -10.70
N PHE A 30 4.74 -1.11 -10.86
CA PHE A 30 4.04 -2.04 -9.97
C PHE A 30 4.51 -3.47 -10.24
N THR A 31 4.68 -3.82 -11.51
CA THR A 31 5.30 -5.11 -11.85
C THR A 31 6.66 -5.29 -11.20
N ASN A 32 7.51 -4.28 -11.30
CA ASN A 32 8.88 -4.40 -10.76
C ASN A 32 8.85 -4.56 -9.24
N ILE A 33 7.98 -3.84 -8.57
CA ILE A 33 7.99 -3.88 -7.11
C ILE A 33 7.39 -5.21 -6.65
N LYS A 34 6.35 -5.68 -7.32
CA LYS A 34 5.73 -7.00 -6.94
C LYS A 34 6.73 -8.13 -7.07
N GLU A 35 7.59 -8.07 -8.07
CA GLU A 35 8.70 -9.05 -8.25
C GLU A 35 9.63 -9.02 -7.04
N ALA A 36 10.07 -7.83 -6.64
CA ALA A 36 10.90 -7.65 -5.49
C ALA A 36 10.32 -8.14 -4.20
N LEU A 37 9.03 -7.89 -4.02
CA LEU A 37 8.36 -8.25 -2.82
C LEU A 37 8.32 -9.75 -2.63
N GLN A 38 8.51 -10.55 -3.66
CA GLN A 38 8.44 -12.02 -3.49
C GLN A 38 9.56 -12.55 -2.61
N ALA A 39 10.71 -11.90 -2.63
CA ALA A 39 11.91 -12.47 -1.98
C ALA A 39 13.05 -11.53 -1.59
N GLU A 40 13.08 -10.34 -2.12
CA GLU A 40 14.19 -9.43 -1.91
C GLU A 40 14.08 -8.73 -0.61
N VAL A 41 15.09 -8.77 0.22
CA VAL A 41 15.10 -7.97 1.45
C VAL A 41 15.27 -6.50 1.10
N PHE A 42 14.77 -5.60 1.94
CA PHE A 42 14.87 -4.16 1.66
C PHE A 42 16.33 -3.74 1.61
N ASN A 43 16.65 -2.95 0.60
CA ASN A 43 18.02 -2.52 0.35
C ASN A 43 18.02 -1.22 -0.43
N SER A 44 19.24 -0.64 -0.60
CA SER A 44 19.32 0.70 -1.26
C SER A 44 18.82 0.69 -2.70
N THR A 45 18.97 -0.41 -3.39
CA THR A 45 18.65 -0.50 -4.80
C THR A 45 17.14 -0.66 -4.96
N VAL A 46 16.53 -1.61 -4.26
CA VAL A 46 15.06 -1.73 -4.36
C VAL A 46 14.34 -0.54 -3.74
N GLU A 47 14.97 0.15 -2.82
CA GLU A 47 14.40 1.38 -2.30
C GLU A 47 14.13 2.36 -3.42
N ASP A 48 15.00 2.46 -4.41
CA ASP A 48 14.72 3.32 -5.58
C ASP A 48 13.47 2.89 -6.28
N ASP A 49 13.27 1.59 -6.46
CA ASP A 49 12.06 1.04 -7.13
C ASP A 49 10.81 1.38 -6.27
N PHE A 50 10.97 1.18 -4.96
CA PHE A 50 9.90 1.45 -3.99
C PHE A 50 9.48 2.93 -4.04
N GLU A 51 10.47 3.81 -3.94
CA GLU A 51 10.18 5.26 -3.94
C GLU A 51 9.52 5.62 -5.27
N SER A 52 10.01 5.14 -6.40
CA SER A 52 9.44 5.44 -7.73
C SER A 52 8.00 5.00 -7.82
N PHE A 53 7.72 3.83 -7.27
CA PHE A 53 6.36 3.26 -7.28
C PHE A 53 5.39 4.07 -6.39
N ILE A 54 5.80 4.30 -5.12
CA ILE A 54 4.92 5.02 -4.18
C ILE A 54 4.68 6.44 -4.69
N SER A 55 5.73 7.11 -5.18
CA SER A 55 5.54 8.47 -5.65
C SER A 55 4.60 8.50 -6.90
N TYR A 56 4.78 7.58 -7.82
CA TYR A 56 3.93 7.44 -8.98
C TYR A 56 2.49 7.23 -8.61
N GLU A 57 2.24 6.35 -7.66
CA GLU A 57 0.87 6.06 -7.28
C GLU A 57 0.22 7.23 -6.56
N LEU A 58 0.94 7.87 -5.65
CA LEU A 58 0.37 9.00 -5.01
C LEU A 58 0.09 10.18 -5.99
N GLN A 59 1.00 10.37 -6.95
CA GLN A 59 0.90 11.46 -7.96
C GLN A 59 -0.28 11.26 -8.93
N ASN A 60 -0.52 10.00 -9.33
CA ASN A 60 -1.47 9.68 -10.35
C ASN A 60 -2.77 9.10 -9.89
N HIS A 61 -2.75 8.34 -8.81
CA HIS A 61 -3.96 7.73 -8.27
C HIS A 61 -4.43 8.31 -6.98
N GLY A 62 -3.54 8.97 -6.23
CA GLY A 62 -3.90 9.60 -4.95
C GLY A 62 -3.76 8.62 -3.80
N PRO A 63 -4.63 8.68 -2.81
CA PRO A 63 -4.40 7.83 -1.60
C PRO A 63 -4.61 6.35 -1.96
N LEU A 64 -3.79 5.49 -1.38
CA LEU A 64 -3.88 4.06 -1.66
C LEU A 64 -4.30 3.28 -0.43
N MET A 65 -5.33 2.46 -0.58
CA MET A 65 -5.75 1.63 0.50
C MET A 65 -4.99 0.28 0.32
N LEU A 66 -4.28 -0.11 1.36
CA LEU A 66 -3.58 -1.39 1.47
C LEU A 66 -4.39 -2.33 2.34
N ILE A 67 -4.73 -3.49 1.80
CA ILE A 67 -5.36 -4.56 2.57
C ILE A 67 -4.29 -5.66 2.66
N ARG A 68 -3.99 -6.04 3.89
CA ARG A 68 -2.96 -7.04 4.12
C ARG A 68 -3.40 -7.98 5.23
N PRO A 69 -2.76 -9.16 5.25
CA PRO A 69 -3.13 -10.11 6.28
C PRO A 69 -2.58 -9.71 7.64
N SER A 70 -3.32 -10.11 8.70
CA SER A 70 -3.06 -9.74 10.10
C SER A 70 -2.51 -10.90 10.92
N SER A 73 -4.51 -13.66 13.01
CA SER A 73 -5.63 -14.53 12.61
C SER A 73 -5.77 -14.61 11.09
N GLU A 74 -6.99 -14.99 10.66
CA GLU A 74 -7.43 -14.86 9.25
C GLU A 74 -7.97 -13.43 8.99
N CYS A 75 -7.64 -12.52 9.92
CA CYS A 75 -8.15 -11.17 9.90
C CYS A 75 -7.26 -10.33 9.02
N LEU A 76 -7.84 -9.23 8.56
CA LEU A 76 -7.16 -8.36 7.61
C LEU A 76 -7.03 -7.01 8.27
N HIS A 77 -6.04 -6.26 7.78
CA HIS A 77 -5.81 -4.89 8.22
C HIS A 77 -5.93 -4.02 6.97
N ALA A 78 -6.65 -2.90 7.12
CA ALA A 78 -6.83 -1.92 6.09
C ALA A 78 -6.00 -0.71 6.57
N GLU A 79 -5.11 -0.23 5.72
CA GLU A 79 -4.24 0.93 6.03
C GLU A 79 -4.32 1.82 4.80
N CYS A 80 -4.02 3.11 4.91
CA CYS A 80 -4.18 4.01 3.78
C CYS A 80 -2.87 4.82 3.68
N ILE A 81 -2.19 4.67 2.55
CA ILE A 81 -0.97 5.40 2.26
C ILE A 81 -1.31 6.78 1.60
N VAL A 82 -0.82 7.85 2.18
CA VAL A 82 -1.27 9.19 1.83
C VAL A 82 -0.17 10.20 1.72
N GLY A 83 1.07 9.78 1.75
CA GLY A 83 2.19 10.69 1.61
C GLY A 83 3.53 10.00 1.64
N TYR A 84 4.52 10.74 1.16
CA TYR A 84 5.90 10.19 1.03
C TYR A 84 6.91 11.28 1.20
N ASP A 85 7.93 11.04 2.02
CA ASP A 85 9.02 11.98 2.22
C ASP A 85 10.36 11.32 1.89
N SER A 86 10.95 11.71 0.75
CA SER A 86 12.19 11.08 0.27
CA SER A 86 12.17 11.09 0.25
C SER A 86 13.38 11.51 1.08
N GLU A 87 13.26 12.66 1.75
CA GLU A 87 14.39 13.16 2.53
C GLU A 87 14.65 12.24 3.73
N VAL A 88 13.63 11.82 4.44
CA VAL A 88 13.77 10.94 5.60
C VAL A 88 13.39 9.48 5.36
N LYS A 89 12.97 9.15 4.13
CA LYS A 89 12.64 7.75 3.76
C LYS A 89 11.52 7.16 4.63
N LYS A 90 10.41 7.94 4.67
CA LYS A 90 9.24 7.51 5.39
C LYS A 90 7.98 7.73 4.58
N VAL A 91 6.98 6.92 4.90
CA VAL A 91 5.69 6.92 4.23
C VAL A 91 4.63 7.39 5.23
N LEU A 92 3.67 8.21 4.82
CA LEU A 92 2.64 8.69 5.72
C LEU A 92 1.42 7.81 5.62
N ILE A 93 1.01 7.20 6.71
CA ILE A 93 0.01 6.13 6.69
C ILE A 93 -1.01 6.23 7.78
N TYR A 94 -2.26 5.97 7.43
CA TYR A 94 -3.35 5.78 8.37
C TYR A 94 -3.44 4.29 8.73
N ASP A 95 -3.52 4.02 10.04
CA ASP A 95 -3.92 2.68 10.58
C ASP A 95 -5.37 2.86 10.94
N SER A 96 -6.24 2.56 9.96
CA SER A 96 -7.63 3.01 9.96
C SER A 96 -8.56 1.91 10.47
N ASN A 98 -5.31 6.02 13.86
CA ASN A 98 -6.71 6.01 13.45
C ASN A 98 -7.18 7.37 12.95
N THR A 99 -7.18 8.35 13.86
CA THR A 99 -7.65 9.69 13.55
C THR A 99 -6.64 10.43 12.66
N SER A 100 -5.38 10.32 13.03
CA SER A 100 -4.31 11.05 12.41
C SER A 100 -3.29 10.07 11.81
N PRO A 101 -2.80 10.36 10.62
CA PRO A 101 -1.82 9.44 10.04
C PRO A 101 -0.45 9.62 10.66
N GLU A 102 0.43 8.62 10.49
CA GLU A 102 1.75 8.68 11.06
C GLU A 102 2.82 8.29 10.06
N TRP A 103 3.98 8.88 10.22
CA TRP A 103 5.13 8.57 9.36
C TRP A 103 5.74 7.21 9.77
N GLN A 104 5.87 6.31 8.81
CA GLN A 104 6.44 4.97 9.04
C GLN A 104 7.67 4.81 8.18
N SER A 105 8.66 4.06 8.68
CA SER A 105 9.87 3.82 7.87
C SER A 105 9.58 3.08 6.58
N ASN A 106 10.38 3.36 5.55
CA ASN A 106 10.26 2.63 4.29
C ASN A 106 10.38 1.11 4.54
N ILE A 107 11.33 0.69 5.37
CA ILE A 107 11.47 -0.75 5.58
C ILE A 107 10.22 -1.37 6.17
N ASP A 108 9.57 -0.69 7.10
CA ASP A 108 8.32 -1.22 7.67
C ASP A 108 7.20 -1.31 6.64
N VAL A 109 7.07 -0.29 5.79
CA VAL A 109 6.06 -0.31 4.78
C VAL A 109 6.34 -1.35 3.69
N TYR A 110 7.59 -1.47 3.30
CA TYR A 110 7.98 -2.50 2.34
C TYR A 110 7.64 -3.90 2.86
N ASP A 111 7.89 -4.13 4.16
CA ASP A 111 7.58 -5.41 4.79
C ASP A 111 6.08 -5.65 4.81
N LYS A 112 5.30 -4.60 5.01
CA LYS A 112 3.82 -4.72 4.90
C LYS A 112 3.34 -5.08 3.50
N LEU A 113 3.90 -4.48 2.48
CA LEU A 113 3.57 -4.82 1.12
C LEU A 113 3.97 -6.29 0.82
N THR A 114 5.10 -6.77 1.36
CA THR A 114 5.52 -8.15 1.20
C THR A 114 4.41 -9.06 1.70
N LEU A 115 3.81 -8.74 2.85
CA LEU A 115 2.67 -9.53 3.34
C LEU A 115 1.47 -9.52 2.37
N ALA A 116 1.17 -8.38 1.78
CA ALA A 116 0.02 -8.25 0.93
C ALA A 116 0.17 -8.88 -0.42
N PHE A 117 1.40 -9.01 -0.89
CA PHE A 117 1.68 -9.40 -2.30
C PHE A 117 2.50 -10.69 -2.43
N ASN A 118 2.93 -11.23 -1.33
CA ASN A 118 3.69 -12.51 -1.39
C ASN A 118 2.65 -13.53 -1.11
N CYS A 126 -5.54 -14.95 -0.18
CA CYS A 126 -6.00 -13.59 0.12
C CYS A 126 -6.13 -12.84 -1.20
N SER A 127 -7.15 -13.22 -1.96
CA SER A 127 -7.55 -12.51 -3.18
C SER A 127 -7.79 -11.00 -2.96
N ILE A 128 -8.34 -10.67 -1.79
CA ILE A 128 -8.70 -9.29 -1.46
C ILE A 128 -7.49 -8.42 -1.10
N CYS A 129 -6.38 -9.06 -0.75
CA CYS A 129 -5.20 -8.29 -0.37
C CYS A 129 -4.65 -7.57 -1.56
N GLY A 130 -4.08 -6.41 -1.29
CA GLY A 130 -3.51 -5.59 -2.37
C GLY A 130 -3.66 -4.11 -2.12
N LEU A 131 -3.49 -3.36 -3.18
CA LEU A 131 -3.60 -1.92 -3.15
C LEU A 131 -4.73 -1.45 -4.03
N TYR A 132 -5.50 -0.51 -3.48
CA TYR A 132 -6.70 0.04 -4.10
C TYR A 132 -6.67 1.57 -4.16
N TYR A 133 -7.34 2.11 -5.14
CA TYR A 133 -7.48 3.56 -5.26
C TYR A 133 -8.91 3.92 -5.50
N ASP A 134 -9.18 5.21 -5.31
CA ASP A 134 -10.53 5.78 -5.30
C ASP A 134 -10.63 6.88 -6.31
N GLY A 135 -11.50 6.71 -7.30
CA GLY A 135 -11.68 7.70 -8.33
C GLY A 135 -12.07 9.08 -7.79
N VAL A 136 -12.74 9.08 -6.66
CA VAL A 136 -13.15 10.37 -6.03
C VAL A 136 -11.95 11.25 -5.65
N TYR A 137 -10.81 10.61 -5.30
CA TYR A 137 -9.64 11.32 -4.80
C TYR A 137 -8.52 11.25 -5.84
N GLU A 138 -8.87 10.96 -7.07
CA GLU A 138 -7.82 10.88 -8.10
C GLU A 138 -7.31 12.31 -8.47
N PRO A 139 -6.01 12.54 -8.42
CA PRO A 139 -5.40 13.83 -8.67
C PRO A 139 -5.64 14.26 -10.13
#